data_5YWU
#
_entry.id   5YWU
#
_cell.length_a   133.180
_cell.length_b   133.180
_cell.length_c   76.282
_cell.angle_alpha   90.00
_cell.angle_beta   90.00
_cell.angle_gamma   90.00
#
_symmetry.space_group_name_H-M   'P 41 21 2'
#
loop_
_entity.id
_entity.type
_entity.pdbx_description
1 polymer 'Three-prime repair exonuclease 1'
2 polymer 'INOSINE CONTAINED DSDNAS'
3 non-polymer 'MAGNESIUM ION'
#
loop_
_entity_poly.entity_id
_entity_poly.type
_entity_poly.pdbx_seq_one_letter_code
_entity_poly.pdbx_strand_id
1 'polypeptide(L)'
;GSHMASMTGGQQMGRGSMGSQTLPHGHMQTLIFLDLEATGLPSSRPEVTELCLLAVHRRALENTSISQGHPPPVPRPPRV
VDKLSLCIAPGKACSPGASEITGLSKAELEVQGRQRFDDNLAILLRAFLQRQPQPCCLVAHNGDRYDFPLLQTELARLST
PSPLDGTFCVDSIAALKALEQASSPSGNGSRKSYSLGSIYTRLYWQAPTDSHTAEGDVLTLLSICQWKPQALLQWVDEHA
RPFSTVKPMYGTPATTGTT
;
A,B
2 'polydeoxyribonucleotide'
;(DA)(DA)(DA)(DG)(DT)(DG)(DG)(DC)(DC)(DC)(DT)(DC)(DT)(DT)(DT)(DA)(DG)(DG)(DG)(DC)
(DC)(DI)(DC)
;
C,D
#
# COMPACT_ATOMS: atom_id res chain seq x y z
N THR A 22 -9.71 -13.25 -31.96
CA THR A 22 -10.77 -12.82 -31.05
C THR A 22 -10.22 -11.91 -29.96
N LEU A 23 -8.90 -11.95 -29.75
CA LEU A 23 -8.25 -11.11 -28.76
C LEU A 23 -7.53 -9.95 -29.43
N PRO A 24 -7.95 -8.71 -29.11
CA PRO A 24 -7.40 -7.50 -29.74
C PRO A 24 -6.00 -7.16 -29.25
N HIS A 25 -5.69 -7.44 -28.00
CA HIS A 25 -4.40 -7.05 -27.42
C HIS A 25 -3.72 -8.21 -26.70
N GLY A 26 -4.13 -9.43 -27.03
CA GLY A 26 -3.55 -10.62 -26.43
C GLY A 26 -4.02 -10.83 -25.01
N HIS A 27 -3.30 -11.68 -24.28
CA HIS A 27 -3.66 -12.00 -22.90
C HIS A 27 -3.02 -11.03 -21.92
N MET A 28 -3.86 -10.32 -21.16
CA MET A 28 -3.37 -9.39 -20.15
C MET A 28 -2.62 -10.14 -19.06
N GLN A 29 -1.36 -9.78 -18.85
CA GLN A 29 -0.51 -10.48 -17.89
C GLN A 29 -0.62 -9.90 -16.49
N THR A 30 -1.03 -8.64 -16.40
CA THR A 30 -1.17 -7.99 -15.10
C THR A 30 -2.46 -7.18 -15.03
N LEU A 31 -3.27 -7.48 -14.03
CA LEU A 31 -4.50 -6.74 -13.79
C LEU A 31 -4.34 -5.82 -12.59
N ILE A 32 -4.28 -4.52 -12.86
CA ILE A 32 -4.16 -3.54 -11.79
C ILE A 32 -5.51 -2.93 -11.45
N PHE A 33 -6.02 -3.23 -10.26
CA PHE A 33 -7.30 -2.72 -9.82
C PHE A 33 -7.15 -1.28 -9.34
N LEU A 34 -8.08 -0.43 -9.76
CA LEU A 34 -7.97 1.01 -9.52
C LEU A 34 -9.23 1.60 -8.89
N ASP A 35 -9.03 2.50 -7.94
CA ASP A 35 -10.14 3.27 -7.38
C ASP A 35 -9.70 4.71 -7.13
N LEU A 36 -10.59 5.65 -7.41
CA LEU A 36 -10.27 7.07 -7.22
C LEU A 36 -11.23 7.73 -6.23
N GLU A 37 -10.70 8.73 -5.52
CA GLU A 37 -11.52 9.55 -4.63
C GLU A 37 -11.34 11.00 -5.02
N ALA A 38 -12.43 11.68 -5.37
CA ALA A 38 -12.36 13.04 -5.86
C ALA A 38 -13.13 14.02 -4.97
N THR A 39 -13.11 15.30 -5.37
CA THR A 39 -13.73 16.35 -4.60
C THR A 39 -15.23 16.43 -4.82
N GLY A 40 -15.71 15.73 -5.84
CA GLY A 40 -17.13 15.72 -6.15
C GLY A 40 -17.48 14.93 -7.40
N LEU A 41 -18.59 15.30 -8.02
CA LEU A 41 -19.07 14.61 -9.22
C LEU A 41 -18.51 15.28 -10.48
N PRO A 42 -18.58 14.58 -11.62
CA PRO A 42 -18.09 15.12 -12.91
C PRO A 42 -18.55 16.55 -13.22
N SER A 43 -19.69 16.97 -12.68
CA SER A 43 -20.17 18.34 -12.89
C SER A 43 -19.37 19.32 -12.04
N SER A 44 -18.74 18.81 -10.99
CA SER A 44 -18.03 19.67 -10.05
C SER A 44 -16.61 19.96 -10.53
N ARG A 45 -16.26 19.43 -11.69
CA ARG A 45 -14.88 19.46 -12.18
C ARG A 45 -13.94 18.93 -11.11
N PRO A 46 -14.12 17.65 -10.72
CA PRO A 46 -13.45 17.10 -9.54
C PRO A 46 -11.97 16.81 -9.73
N GLU A 47 -11.22 16.81 -8.64
CA GLU A 47 -9.81 16.47 -8.67
C GLU A 47 -9.54 15.30 -7.73
N VAL A 48 -8.62 14.42 -8.13
CA VAL A 48 -8.32 13.23 -7.35
C VAL A 48 -7.75 13.58 -5.97
N THR A 49 -8.37 13.04 -4.92
CA THR A 49 -7.91 13.28 -3.56
C THR A 49 -7.13 12.09 -3.03
N GLU A 50 -7.55 10.89 -3.42
CA GLU A 50 -6.83 9.68 -3.03
C GLU A 50 -6.75 8.71 -4.20
N LEU A 51 -5.65 7.95 -4.24
CA LEU A 51 -5.40 7.04 -5.34
C LEU A 51 -4.94 5.68 -4.80
N CYS A 52 -5.49 4.61 -5.33
CA CYS A 52 -5.03 3.28 -4.94
C CYS A 52 -4.93 2.32 -6.13
N LEU A 53 -3.90 1.48 -6.10
CA LEU A 53 -3.66 0.50 -7.15
C LEU A 53 -3.30 -0.87 -6.58
N LEU A 54 -3.93 -1.91 -7.11
CA LEU A 54 -3.59 -3.28 -6.72
C LEU A 54 -3.08 -4.08 -7.91
N ALA A 55 -1.76 -4.14 -8.05
CA ALA A 55 -1.14 -4.90 -9.12
C ALA A 55 -1.18 -6.40 -8.82
N VAL A 56 -1.97 -7.13 -9.60
CA VAL A 56 -2.11 -8.57 -9.42
C VAL A 56 -1.81 -9.32 -10.71
N HIS A 57 -0.85 -10.24 -10.65
CA HIS A 57 -0.50 -11.06 -11.81
C HIS A 57 -1.66 -11.97 -12.18
N ARG A 58 -1.75 -12.36 -13.45
CA ARG A 58 -2.87 -13.16 -13.92
C ARG A 58 -2.85 -14.56 -13.32
N ARG A 59 -1.67 -15.02 -12.94
CA ARG A 59 -1.56 -16.34 -12.33
C ARG A 59 -2.01 -16.29 -10.88
N ALA A 60 -1.81 -15.14 -10.25
CA ALA A 60 -2.24 -14.94 -8.87
C ALA A 60 -3.77 -14.97 -8.78
N LEU A 61 -4.43 -14.65 -9.89
CA LEU A 61 -5.88 -14.68 -9.94
C LEU A 61 -6.40 -16.08 -10.23
N GLU A 62 -5.84 -16.73 -11.24
CA GLU A 62 -6.28 -18.06 -11.63
C GLU A 62 -5.80 -19.14 -10.65
N ASN A 63 -5.11 -18.71 -9.60
CA ASN A 63 -4.73 -19.61 -8.51
C ASN A 63 -5.81 -19.67 -7.44
N THR A 64 -6.73 -18.72 -7.48
CA THR A 64 -7.84 -18.67 -6.54
C THR A 64 -8.74 -19.89 -6.72
N SER A 65 -8.97 -20.61 -5.63
CA SER A 65 -9.77 -21.84 -5.67
C SER A 65 -11.21 -21.55 -6.07
N ILE A 66 -11.87 -22.56 -6.62
CA ILE A 66 -13.27 -22.45 -7.05
C ILE A 66 -14.17 -22.17 -5.87
N SER A 67 -15.06 -21.18 -6.02
CA SER A 67 -15.99 -20.81 -4.95
C SER A 67 -16.89 -21.98 -4.57
N GLN A 68 -16.77 -22.42 -3.32
CA GLN A 68 -17.52 -23.58 -2.84
C GLN A 68 -18.63 -23.18 -1.87
N GLY A 69 -19.77 -23.86 -1.98
CA GLY A 69 -20.89 -23.63 -1.08
C GLY A 69 -21.68 -22.38 -1.37
N HIS A 70 -22.85 -22.27 -0.75
CA HIS A 70 -23.70 -21.10 -0.91
C HIS A 70 -24.20 -20.62 0.45
N PRO A 71 -23.80 -19.41 0.86
CA PRO A 71 -22.93 -18.50 0.09
C PRO A 71 -21.45 -18.86 0.19
N PRO A 72 -20.69 -18.64 -0.88
CA PRO A 72 -19.24 -18.88 -0.90
C PRO A 72 -18.47 -17.85 -0.08
N PRO A 73 -17.41 -18.29 0.61
CA PRO A 73 -16.60 -17.40 1.45
C PRO A 73 -15.82 -16.38 0.64
N VAL A 74 -15.48 -15.26 1.26
CA VAL A 74 -14.71 -14.22 0.58
C VAL A 74 -13.28 -14.68 0.34
N PRO A 75 -12.87 -14.76 -0.94
CA PRO A 75 -11.54 -15.23 -1.32
C PRO A 75 -10.42 -14.37 -0.76
N ARG A 76 -9.39 -14.99 -0.21
CA ARG A 76 -8.23 -14.27 0.31
C ARG A 76 -7.45 -13.66 -0.86
N PRO A 77 -6.91 -12.45 -0.64
CA PRO A 77 -6.07 -11.79 -1.66
C PRO A 77 -4.82 -12.61 -1.95
N PRO A 78 -4.36 -12.59 -3.21
CA PRO A 78 -3.12 -13.30 -3.58
C PRO A 78 -1.94 -12.86 -2.74
N ARG A 79 -1.05 -13.78 -2.40
CA ARG A 79 0.10 -13.46 -1.56
C ARG A 79 1.03 -12.48 -2.26
N VAL A 80 1.27 -12.72 -3.54
CA VAL A 80 2.15 -11.87 -4.33
C VAL A 80 1.37 -10.72 -4.95
N VAL A 81 1.34 -9.59 -4.26
CA VAL A 81 0.58 -8.43 -4.69
C VAL A 81 1.31 -7.12 -4.44
N ASP A 82 1.40 -6.27 -5.45
CA ASP A 82 1.95 -4.93 -5.32
C ASP A 82 0.85 -3.92 -5.03
N LYS A 83 1.02 -3.12 -3.98
CA LYS A 83 -0.01 -2.20 -3.54
C LYS A 83 0.50 -0.76 -3.44
N LEU A 84 -0.29 0.19 -3.93
CA LEU A 84 0.06 1.61 -3.85
C LEU A 84 -1.14 2.47 -3.50
N SER A 85 -1.08 3.11 -2.33
CA SER A 85 -2.14 4.01 -1.89
C SER A 85 -1.57 5.39 -1.57
N LEU A 86 -2.11 6.41 -2.21
CA LEU A 86 -1.60 7.77 -2.04
C LEU A 86 -2.70 8.80 -1.84
N CYS A 87 -2.50 9.71 -0.89
CA CYS A 87 -3.42 10.82 -0.68
C CYS A 87 -2.92 12.07 -1.37
N ILE A 88 -3.76 12.66 -2.21
CA ILE A 88 -3.37 13.81 -3.02
C ILE A 88 -4.16 15.05 -2.66
N ALA A 89 -3.46 16.12 -2.32
CA ALA A 89 -4.13 17.40 -2.05
C ALA A 89 -4.62 18.00 -3.37
N PRO A 90 -5.92 18.32 -3.43
CA PRO A 90 -6.52 18.91 -4.62
C PRO A 90 -6.34 20.43 -4.67
N GLY A 91 -6.93 21.06 -5.68
CA GLY A 91 -6.86 22.51 -5.82
C GLY A 91 -8.15 23.18 -5.42
N LYS A 92 -9.24 22.41 -5.43
CA LYS A 92 -10.54 22.92 -5.01
C LYS A 92 -11.11 22.05 -3.89
N ALA A 93 -11.90 22.67 -3.01
CA ALA A 93 -12.45 21.98 -1.85
C ALA A 93 -13.46 20.91 -2.27
N CYS A 94 -13.69 19.95 -1.37
CA CYS A 94 -14.61 18.85 -1.66
C CYS A 94 -16.06 19.29 -1.53
N SER A 95 -16.95 18.59 -2.24
CA SER A 95 -18.38 18.86 -2.14
C SER A 95 -18.91 18.29 -0.82
N PRO A 96 -20.05 18.82 -0.33
CA PRO A 96 -20.65 18.35 0.91
C PRO A 96 -20.85 16.83 0.97
N GLY A 97 -21.25 16.25 -0.16
CA GLY A 97 -21.47 14.82 -0.24
C GLY A 97 -20.18 14.02 -0.31
N ALA A 98 -19.17 14.60 -0.95
CA ALA A 98 -17.89 13.91 -1.13
C ALA A 98 -17.14 13.74 0.18
N SER A 99 -16.87 14.86 0.86
CA SER A 99 -16.13 14.83 2.12
C SER A 99 -16.87 14.04 3.19
N GLU A 100 -18.19 13.96 3.06
CA GLU A 100 -19.02 13.21 3.99
C GLU A 100 -18.75 11.72 3.93
N ILE A 101 -18.66 11.17 2.72
CA ILE A 101 -18.54 9.72 2.56
C ILE A 101 -17.08 9.27 2.49
N THR A 102 -16.20 10.09 1.93
CA THR A 102 -14.80 9.71 1.77
C THR A 102 -14.02 9.91 3.06
N GLY A 103 -14.43 10.91 3.84
CA GLY A 103 -13.72 11.24 5.06
C GLY A 103 -12.47 12.05 4.76
N LEU A 104 -12.44 12.66 3.58
CA LEU A 104 -11.30 13.47 3.16
C LEU A 104 -11.71 14.92 2.97
N SER A 105 -10.80 15.84 3.27
CA SER A 105 -11.05 17.26 3.08
C SER A 105 -9.78 17.97 2.60
N LYS A 106 -9.95 18.96 1.74
CA LYS A 106 -8.84 19.71 1.18
C LYS A 106 -8.02 20.41 2.27
N ALA A 107 -8.71 20.89 3.29
CA ALA A 107 -8.07 21.61 4.39
C ALA A 107 -7.13 20.70 5.17
N GLU A 108 -7.60 19.49 5.47
CA GLU A 108 -6.82 18.54 6.26
C GLU A 108 -5.64 17.99 5.46
N LEU A 109 -5.84 17.78 4.16
CA LEU A 109 -4.79 17.27 3.29
C LEU A 109 -3.62 18.25 3.20
N GLU A 110 -3.94 19.53 3.04
CA GLU A 110 -2.91 20.56 3.00
C GLU A 110 -2.26 20.71 4.38
N VAL A 111 -3.05 20.47 5.43
CA VAL A 111 -2.56 20.55 6.79
C VAL A 111 -1.51 19.47 7.06
N GLN A 112 -1.75 18.28 6.52
CA GLN A 112 -0.81 17.17 6.68
C GLN A 112 0.26 17.19 5.58
N GLY A 113 0.39 18.33 4.90
CA GLY A 113 1.45 18.53 3.94
C GLY A 113 1.39 17.64 2.71
N ARG A 114 0.19 17.20 2.35
CA ARG A 114 0.02 16.38 1.14
C ARG A 114 0.27 17.24 -0.09
N GLN A 115 1.01 16.69 -1.04
CA GLN A 115 1.37 17.43 -2.24
C GLN A 115 0.31 17.28 -3.33
N ARG A 116 0.32 18.22 -4.27
CA ARG A 116 -0.63 18.23 -5.37
C ARG A 116 -0.43 17.07 -6.32
N PHE A 117 -1.22 17.04 -7.39
CA PHE A 117 -1.05 16.07 -8.46
C PHE A 117 0.05 16.57 -9.39
N ASP A 118 1.29 16.50 -8.93
CA ASP A 118 2.42 17.06 -9.68
C ASP A 118 3.10 16.02 -10.57
N ASP A 119 4.12 16.47 -11.30
CA ASP A 119 4.85 15.59 -12.22
C ASP A 119 5.59 14.49 -11.47
N ASN A 120 5.95 14.76 -10.23
CA ASN A 120 6.61 13.76 -9.39
C ASN A 120 5.70 12.57 -9.10
N LEU A 121 4.40 12.82 -9.12
CA LEU A 121 3.42 11.76 -8.94
C LEU A 121 3.34 10.88 -10.18
N ALA A 122 3.47 11.49 -11.35
CA ALA A 122 3.44 10.78 -12.61
C ALA A 122 4.65 9.84 -12.72
N ILE A 123 5.80 10.32 -12.27
CA ILE A 123 7.02 9.52 -12.24
C ILE A 123 6.84 8.32 -11.31
N LEU A 124 6.15 8.54 -10.20
CA LEU A 124 5.87 7.49 -9.24
C LEU A 124 5.01 6.40 -9.91
N LEU A 125 3.95 6.84 -10.59
CA LEU A 125 3.06 5.92 -11.29
C LEU A 125 3.79 5.17 -12.39
N ARG A 126 4.67 5.89 -13.10
CA ARG A 126 5.45 5.32 -14.20
C ARG A 126 6.32 4.14 -13.75
N ALA A 127 7.02 4.33 -12.63
CA ALA A 127 7.89 3.29 -12.10
C ALA A 127 7.10 2.13 -11.52
N PHE A 128 5.96 2.44 -10.93
CA PHE A 128 5.08 1.42 -10.37
C PHE A 128 4.52 0.52 -11.47
N LEU A 129 4.22 1.13 -12.61
CA LEU A 129 3.64 0.40 -13.74
C LEU A 129 4.68 -0.42 -14.48
N GLN A 130 5.92 0.07 -14.51
CA GLN A 130 6.98 -0.63 -15.23
C GLN A 130 7.35 -1.94 -14.54
N ARG A 131 7.18 -1.98 -13.23
CA ARG A 131 7.49 -3.18 -12.45
C ARG A 131 6.45 -4.28 -12.67
N GLN A 132 5.45 -4.00 -13.50
CA GLN A 132 4.40 -4.96 -13.80
C GLN A 132 4.50 -5.44 -15.25
N PRO A 133 4.43 -6.77 -15.44
CA PRO A 133 4.48 -7.40 -16.77
C PRO A 133 3.45 -6.85 -17.73
N GLN A 134 3.83 -6.69 -18.99
CA GLN A 134 2.93 -6.23 -20.03
C GLN A 134 2.48 -7.42 -20.89
N PRO A 135 1.28 -7.34 -21.49
CA PRO A 135 0.31 -6.23 -21.44
C PRO A 135 -0.42 -6.12 -20.10
N CYS A 136 -0.68 -4.90 -19.67
CA CYS A 136 -1.30 -4.64 -18.39
C CYS A 136 -2.68 -3.99 -18.55
N CYS A 137 -3.63 -4.42 -17.73
CA CYS A 137 -4.99 -3.89 -17.82
C CYS A 137 -5.49 -3.34 -16.50
N LEU A 138 -6.13 -2.17 -16.56
CA LEU A 138 -6.70 -1.54 -15.38
C LEU A 138 -8.13 -2.02 -15.15
N VAL A 139 -8.49 -2.18 -13.88
CA VAL A 139 -9.85 -2.59 -13.53
C VAL A 139 -10.44 -1.64 -12.49
N ALA A 140 -11.51 -0.95 -12.85
CA ALA A 140 -12.16 -0.01 -11.95
C ALA A 140 -13.67 -0.14 -12.04
N HIS A 141 -14.35 0.01 -10.89
CA HIS A 141 -15.79 -0.05 -10.87
C HIS A 141 -16.38 1.24 -11.43
N ASN A 142 -17.15 1.09 -12.50
CA ASN A 142 -17.63 2.23 -13.29
C ASN A 142 -16.48 3.11 -13.72
N GLY A 143 -15.39 2.48 -14.13
CA GLY A 143 -14.20 3.19 -14.53
C GLY A 143 -14.32 3.80 -15.91
N ASP A 144 -15.09 3.16 -16.78
CA ASP A 144 -15.25 3.63 -18.15
C ASP A 144 -15.90 5.00 -18.24
N ARG A 145 -16.56 5.42 -17.16
CA ARG A 145 -17.32 6.67 -17.18
C ARG A 145 -16.95 7.60 -16.04
N TYR A 146 -15.99 7.18 -15.22
CA TYR A 146 -15.54 8.03 -14.11
C TYR A 146 -14.03 7.96 -13.90
N ASP A 147 -13.57 6.84 -13.30
CA ASP A 147 -12.18 6.71 -12.90
C ASP A 147 -11.19 6.90 -14.04
N PHE A 148 -11.45 6.28 -15.18
CA PHE A 148 -10.55 6.40 -16.33
C PHE A 148 -10.60 7.79 -16.97
N PRO A 149 -11.81 8.35 -17.22
CA PRO A 149 -11.80 9.72 -17.75
C PRO A 149 -11.25 10.76 -16.76
N LEU A 150 -11.50 10.57 -15.48
CA LEU A 150 -11.02 11.50 -14.47
C LEU A 150 -9.50 11.46 -14.36
N LEU A 151 -8.94 10.26 -14.35
CA LEU A 151 -7.51 10.08 -14.26
C LEU A 151 -6.84 10.58 -15.55
N GLN A 152 -7.53 10.42 -16.67
CA GLN A 152 -7.03 10.87 -17.96
C GLN A 152 -6.83 12.38 -17.97
N THR A 153 -7.71 13.09 -17.28
CA THR A 153 -7.64 14.55 -17.21
C THR A 153 -6.48 15.01 -16.34
N GLU A 154 -6.28 14.34 -15.22
CA GLU A 154 -5.21 14.70 -14.28
C GLU A 154 -3.84 14.54 -14.91
N LEU A 155 -3.67 13.50 -15.72
CA LEU A 155 -2.40 13.25 -16.39
C LEU A 155 -2.22 14.20 -17.57
N ALA A 156 -3.35 14.68 -18.11
CA ALA A 156 -3.31 15.61 -19.22
C ALA A 156 -2.87 17.00 -18.76
N ARG A 157 -3.19 17.34 -17.52
CA ARG A 157 -2.78 18.60 -16.94
C ARG A 157 -1.26 18.66 -16.82
N LEU A 158 -0.64 17.51 -16.54
CA LEU A 158 0.80 17.43 -16.39
C LEU A 158 1.50 17.47 -17.76
N SER A 159 2.62 18.16 -17.82
CA SER A 159 3.43 18.22 -19.03
C SER A 159 4.04 16.84 -19.30
N THR A 160 4.24 16.07 -18.24
CA THR A 160 4.73 14.70 -18.36
C THR A 160 3.75 13.84 -19.15
N PRO A 161 4.25 13.15 -20.19
CA PRO A 161 3.43 12.24 -20.99
C PRO A 161 2.72 11.19 -20.14
N SER A 162 1.52 10.80 -20.54
CA SER A 162 0.76 9.82 -19.80
C SER A 162 1.45 8.46 -19.81
N PRO A 163 1.76 7.93 -18.61
CA PRO A 163 2.41 6.63 -18.46
C PRO A 163 1.49 5.46 -18.78
N LEU A 164 0.31 5.76 -19.32
CA LEU A 164 -0.68 4.74 -19.61
C LEU A 164 -1.00 4.63 -21.10
N ASP A 165 -0.09 5.12 -21.94
CA ASP A 165 -0.28 5.08 -23.38
C ASP A 165 -0.25 3.65 -23.92
N GLY A 166 0.35 2.75 -23.17
CA GLY A 166 0.43 1.36 -23.56
C GLY A 166 -0.42 0.48 -22.66
N THR A 167 -0.94 1.07 -21.60
CA THR A 167 -1.75 0.34 -20.63
C THR A 167 -3.21 0.23 -21.09
N PHE A 168 -3.87 -0.85 -20.71
CA PHE A 168 -5.26 -1.06 -21.07
C PHE A 168 -6.16 -0.94 -19.85
N CYS A 169 -7.47 -1.00 -20.07
CA CYS A 169 -8.43 -0.81 -18.98
C CYS A 169 -9.80 -1.38 -19.30
N VAL A 170 -10.49 -1.85 -18.25
CA VAL A 170 -11.85 -2.37 -18.39
C VAL A 170 -12.73 -1.91 -17.24
N ASP A 171 -14.04 -2.10 -17.39
CA ASP A 171 -15.00 -1.74 -16.35
C ASP A 171 -15.54 -3.00 -15.68
N SER A 172 -15.45 -3.06 -14.37
CA SER A 172 -15.90 -4.24 -13.63
C SER A 172 -17.42 -4.32 -13.53
N ILE A 173 -18.09 -3.19 -13.73
CA ILE A 173 -19.54 -3.18 -13.77
C ILE A 173 -20.03 -3.96 -14.98
N ALA A 174 -19.47 -3.65 -16.14
CA ALA A 174 -19.79 -4.35 -17.37
C ALA A 174 -19.36 -5.82 -17.28
N ALA A 175 -18.33 -6.07 -16.49
CA ALA A 175 -17.82 -7.42 -16.29
C ALA A 175 -18.77 -8.25 -15.43
N LEU A 176 -19.09 -7.72 -14.25
CA LEU A 176 -19.96 -8.41 -13.30
C LEU A 176 -21.35 -8.68 -13.88
N LYS A 177 -21.81 -7.77 -14.75
CA LYS A 177 -23.10 -7.96 -15.42
C LYS A 177 -23.05 -9.16 -16.35
N ALA A 178 -21.90 -9.39 -16.95
CA ALA A 178 -21.71 -10.50 -17.88
C ALA A 178 -21.60 -11.83 -17.12
N LEU A 179 -20.96 -11.79 -15.96
CA LEU A 179 -20.73 -13.00 -15.18
C LEU A 179 -21.99 -13.46 -14.43
N GLU A 180 -22.86 -12.52 -14.07
CA GLU A 180 -24.07 -12.86 -13.34
C GLU A 180 -25.16 -13.42 -14.25
N GLN A 181 -25.23 -12.90 -15.47
CA GLN A 181 -26.25 -13.35 -16.42
C GLN A 181 -25.86 -14.67 -17.06
N ALA A 182 -24.58 -15.01 -17.00
CA ALA A 182 -24.09 -16.26 -17.56
C ALA A 182 -24.25 -17.40 -16.56
N SER A 183 -24.15 -17.08 -15.27
CA SER A 183 -24.29 -18.08 -14.22
C SER A 183 -25.76 -18.31 -13.86
N SER A 184 -26.54 -17.22 -13.85
CA SER A 184 -27.94 -17.30 -13.50
C SER A 184 -28.83 -16.70 -14.60
N PRO A 185 -29.24 -17.54 -15.56
CA PRO A 185 -30.12 -17.12 -16.67
C PRO A 185 -31.46 -16.58 -16.17
N ARG A 191 -35.17 -4.53 -10.77
CA ARG A 191 -34.09 -5.17 -11.51
C ARG A 191 -33.03 -5.71 -10.55
N LYS A 192 -31.77 -5.53 -10.92
CA LYS A 192 -30.65 -5.96 -10.08
C LYS A 192 -29.61 -4.85 -9.97
N SER A 193 -29.24 -4.51 -8.73
CA SER A 193 -28.26 -3.46 -8.50
C SER A 193 -26.84 -3.96 -8.73
N TYR A 194 -26.08 -3.22 -9.54
CA TYR A 194 -24.71 -3.59 -9.84
C TYR A 194 -23.71 -2.57 -9.29
N SER A 195 -24.02 -2.00 -8.14
CA SER A 195 -23.08 -1.11 -7.45
C SER A 195 -22.06 -1.95 -6.70
N LEU A 196 -20.95 -1.34 -6.31
CA LEU A 196 -19.87 -2.05 -5.65
C LEU A 196 -20.31 -2.67 -4.33
N GLY A 197 -21.15 -1.94 -3.60
CA GLY A 197 -21.67 -2.43 -2.33
C GLY A 197 -22.70 -3.52 -2.52
N SER A 198 -23.49 -3.40 -3.58
CA SER A 198 -24.55 -4.36 -3.85
C SER A 198 -24.01 -5.70 -4.33
N ILE A 199 -23.06 -5.66 -5.26
CA ILE A 199 -22.48 -6.86 -5.84
C ILE A 199 -21.74 -7.68 -4.78
N TYR A 200 -20.98 -6.99 -3.94
CA TYR A 200 -20.20 -7.66 -2.89
C TYR A 200 -21.10 -8.40 -1.91
N THR A 201 -22.18 -7.75 -1.50
CA THR A 201 -23.11 -8.33 -0.54
C THR A 201 -23.93 -9.46 -1.18
N ARG A 202 -24.27 -9.29 -2.45
CA ARG A 202 -25.09 -10.27 -3.17
C ARG A 202 -24.33 -11.59 -3.37
N LEU A 203 -23.01 -11.52 -3.39
CA LEU A 203 -22.20 -12.71 -3.68
C LEU A 203 -21.67 -13.39 -2.43
N TYR A 204 -21.47 -12.63 -1.36
CA TYR A 204 -20.83 -13.18 -0.17
C TYR A 204 -21.65 -13.03 1.11
N TRP A 205 -22.84 -12.42 0.98
CA TRP A 205 -23.75 -12.22 2.10
C TRP A 205 -23.11 -11.43 3.25
N GLN A 206 -22.16 -10.56 2.93
CA GLN A 206 -21.48 -9.77 3.95
C GLN A 206 -21.41 -8.30 3.55
N ALA A 207 -20.86 -7.48 4.43
CA ALA A 207 -20.76 -6.04 4.19
C ALA A 207 -19.31 -5.62 3.97
N PRO A 208 -19.08 -4.75 2.97
CA PRO A 208 -17.74 -4.22 2.67
C PRO A 208 -17.17 -3.42 3.82
N THR A 209 -15.89 -3.65 4.13
CA THR A 209 -15.22 -2.93 5.20
C THR A 209 -14.54 -1.67 4.68
N ASP A 210 -14.69 -0.57 5.43
CA ASP A 210 -14.15 0.73 5.06
C ASP A 210 -14.61 1.15 3.66
N SER A 211 -15.85 1.60 3.57
CA SER A 211 -16.42 2.03 2.31
C SER A 211 -15.95 3.43 1.93
N HIS A 212 -15.95 3.72 0.63
CA HIS A 212 -15.55 5.02 0.09
C HIS A 212 -14.15 5.45 0.53
N THR A 213 -13.28 4.47 0.71
CA THR A 213 -11.85 4.73 0.88
C THR A 213 -11.12 4.02 -0.25
N ALA A 214 -10.07 4.66 -0.78
CA ALA A 214 -9.39 4.18 -1.97
C ALA A 214 -8.93 2.73 -1.85
N GLU A 215 -8.30 2.40 -0.72
CA GLU A 215 -7.82 1.04 -0.51
C GLU A 215 -8.94 0.12 -0.06
N GLY A 216 -9.99 0.70 0.52
CA GLY A 216 -11.12 -0.07 1.00
C GLY A 216 -11.99 -0.62 -0.11
N ASP A 217 -12.08 0.13 -1.21
CA ASP A 217 -12.95 -0.25 -2.31
C ASP A 217 -12.25 -1.18 -3.31
N VAL A 218 -10.93 -1.07 -3.42
CA VAL A 218 -10.18 -1.91 -4.34
C VAL A 218 -10.05 -3.33 -3.78
N LEU A 219 -9.87 -3.44 -2.48
CA LEU A 219 -9.84 -4.75 -1.83
C LEU A 219 -11.22 -5.39 -1.92
N THR A 220 -12.25 -4.56 -1.92
CA THR A 220 -13.61 -5.01 -2.16
C THR A 220 -13.79 -5.40 -3.62
N LEU A 221 -13.20 -4.60 -4.50
CA LEU A 221 -13.27 -4.84 -5.94
C LEU A 221 -12.54 -6.13 -6.31
N LEU A 222 -11.38 -6.35 -5.69
CA LEU A 222 -10.60 -7.55 -5.92
C LEU A 222 -11.37 -8.80 -5.51
N SER A 223 -12.14 -8.69 -4.43
CA SER A 223 -12.88 -9.82 -3.90
C SER A 223 -14.03 -10.22 -4.82
N ILE A 224 -14.75 -9.24 -5.36
CA ILE A 224 -15.86 -9.54 -6.26
C ILE A 224 -15.35 -9.98 -7.63
N CYS A 225 -14.06 -9.74 -7.87
CA CYS A 225 -13.42 -10.19 -9.11
C CYS A 225 -12.87 -11.60 -8.94
N GLN A 226 -12.54 -11.97 -7.70
CA GLN A 226 -12.03 -13.31 -7.41
C GLN A 226 -13.15 -14.31 -7.23
N TRP A 227 -14.39 -13.88 -7.50
CA TRP A 227 -15.54 -14.76 -7.41
C TRP A 227 -15.40 -15.90 -8.42
N LYS A 228 -15.23 -15.54 -9.69
CA LYS A 228 -14.94 -16.51 -10.74
C LYS A 228 -13.79 -16.00 -11.59
N PRO A 229 -12.55 -16.23 -11.13
CA PRO A 229 -11.32 -15.70 -11.72
C PRO A 229 -11.10 -16.11 -13.18
N GLN A 230 -11.26 -17.40 -13.46
CA GLN A 230 -11.06 -17.90 -14.82
C GLN A 230 -12.00 -17.20 -15.80
N ALA A 231 -13.26 -17.06 -15.41
CA ALA A 231 -14.24 -16.38 -16.23
C ALA A 231 -13.96 -14.88 -16.33
N LEU A 232 -13.39 -14.33 -15.25
CA LEU A 232 -13.04 -12.92 -15.22
C LEU A 232 -11.93 -12.60 -16.22
N LEU A 233 -10.83 -13.35 -16.12
CA LEU A 233 -9.70 -13.17 -17.01
C LEU A 233 -10.11 -13.37 -18.46
N GLN A 234 -11.07 -14.26 -18.68
CA GLN A 234 -11.58 -14.53 -20.01
C GLN A 234 -12.32 -13.31 -20.56
N TRP A 235 -13.01 -12.59 -19.68
CA TRP A 235 -13.77 -11.42 -20.08
C TRP A 235 -12.86 -10.21 -20.31
N VAL A 236 -11.84 -10.08 -19.46
CA VAL A 236 -10.91 -8.96 -19.53
C VAL A 236 -10.16 -8.94 -20.85
N ASP A 237 -9.61 -10.09 -21.25
CA ASP A 237 -8.81 -10.19 -22.47
C ASP A 237 -9.59 -9.85 -23.73
N GLU A 238 -10.92 -10.00 -23.67
CA GLU A 238 -11.76 -9.75 -24.83
C GLU A 238 -12.23 -8.30 -24.90
N HIS A 239 -12.44 -7.69 -23.73
CA HIS A 239 -12.97 -6.34 -23.68
C HIS A 239 -11.90 -5.31 -23.29
N ALA A 240 -10.64 -5.72 -23.34
CA ALA A 240 -9.54 -4.82 -23.02
C ALA A 240 -9.34 -3.79 -24.13
N ARG A 241 -9.28 -2.52 -23.75
CA ARG A 241 -9.05 -1.45 -24.71
C ARG A 241 -7.99 -0.49 -24.19
N PRO A 242 -7.22 0.12 -25.09
CA PRO A 242 -6.16 1.07 -24.71
C PRO A 242 -6.71 2.22 -23.86
N PHE A 243 -5.94 2.63 -22.86
CA PHE A 243 -6.35 3.73 -21.99
C PHE A 243 -6.28 5.05 -22.74
N SER A 244 -5.47 5.09 -23.79
CA SER A 244 -5.28 6.29 -24.58
C SER A 244 -6.46 6.57 -25.52
N THR A 245 -7.53 5.78 -25.37
CA THR A 245 -8.73 5.96 -26.16
C THR A 245 -9.90 6.46 -25.31
N VAL A 246 -9.64 6.60 -24.01
CA VAL A 246 -10.66 7.05 -23.08
C VAL A 246 -10.85 8.56 -23.15
N LYS A 247 -12.06 9.00 -23.48
CA LYS A 247 -12.39 10.41 -23.53
C LYS A 247 -12.30 11.03 -22.14
N PRO A 248 -11.48 12.08 -22.00
CA PRO A 248 -11.30 12.79 -20.72
C PRO A 248 -12.61 13.34 -20.19
N MET A 249 -12.70 13.51 -18.87
CA MET A 249 -13.90 14.01 -18.23
C MET A 249 -14.16 15.47 -18.61
N TYR A 250 -13.10 16.26 -18.64
CA TYR A 250 -13.19 17.66 -19.06
C TYR A 250 -11.83 18.20 -19.49
N GLY A 251 -11.85 19.36 -20.14
CA GLY A 251 -10.62 19.99 -20.60
C GLY A 251 -10.40 19.83 -22.09
N THR B 22 17.24 21.30 21.84
CA THR B 22 17.83 20.08 22.40
C THR B 22 17.66 18.92 21.42
N LEU B 23 16.93 19.15 20.35
CA LEU B 23 16.69 18.12 19.34
C LEU B 23 17.83 18.06 18.32
N PRO B 24 18.36 16.86 18.07
CA PRO B 24 19.47 16.65 17.14
C PRO B 24 19.14 17.09 15.73
N HIS B 25 17.97 16.71 15.24
CA HIS B 25 17.59 16.99 13.86
C HIS B 25 16.20 17.61 13.78
N GLY B 26 15.77 18.27 14.85
CA GLY B 26 14.49 18.94 14.88
C GLY B 26 13.31 17.99 15.02
N HIS B 27 12.11 18.50 14.73
CA HIS B 27 10.89 17.71 14.84
C HIS B 27 10.56 17.03 13.52
N MET B 28 10.50 15.70 13.54
CA MET B 28 10.13 14.92 12.36
C MET B 28 8.69 15.22 11.96
N GLN B 29 8.48 15.50 10.67
CA GLN B 29 7.14 15.82 10.18
C GLN B 29 6.47 14.60 9.57
N THR B 30 7.26 13.67 9.07
CA THR B 30 6.72 12.45 8.45
C THR B 30 7.45 11.21 8.96
N LEU B 31 6.68 10.30 9.55
CA LEU B 31 7.22 9.03 10.03
C LEU B 31 6.82 7.90 9.08
N ILE B 32 7.80 7.28 8.46
CA ILE B 32 7.54 6.16 7.57
C ILE B 32 7.85 4.83 8.24
N PHE B 33 6.82 4.01 8.40
CA PHE B 33 6.97 2.71 9.04
C PHE B 33 7.39 1.67 8.00
N LEU B 34 8.49 0.97 8.29
CA LEU B 34 9.12 0.07 7.32
C LEU B 34 9.27 -1.35 7.84
N ASP B 35 8.94 -2.33 6.98
CA ASP B 35 9.22 -3.72 7.26
C ASP B 35 9.76 -4.41 6.01
N LEU B 36 10.82 -5.19 6.17
CA LEU B 36 11.42 -5.90 5.07
C LEU B 36 11.29 -7.41 5.24
N GLU B 37 11.07 -8.11 4.13
CA GLU B 37 11.02 -9.57 4.14
C GLU B 37 12.07 -10.11 3.18
N ALA B 38 13.13 -10.71 3.73
CA ALA B 38 14.26 -11.15 2.92
C ALA B 38 14.26 -12.66 2.71
N THR B 39 15.31 -13.16 2.08
CA THR B 39 15.44 -14.58 1.79
C THR B 39 15.80 -15.38 3.03
N GLY B 40 16.49 -14.73 3.96
CA GLY B 40 16.91 -15.39 5.18
C GLY B 40 17.51 -14.47 6.22
N LEU B 41 18.36 -15.02 7.07
CA LEU B 41 18.99 -14.28 8.15
C LEU B 41 20.32 -13.69 7.68
N PRO B 42 20.84 -12.67 8.40
CA PRO B 42 22.10 -12.00 8.05
C PRO B 42 23.25 -12.94 7.68
N SER B 43 23.23 -14.17 8.18
CA SER B 43 24.24 -15.16 7.84
C SER B 43 24.15 -15.57 6.37
N SER B 44 22.94 -15.58 5.84
CA SER B 44 22.69 -16.04 4.47
C SER B 44 22.95 -14.96 3.43
N ARG B 45 23.38 -13.78 3.90
CA ARG B 45 23.54 -12.60 3.06
C ARG B 45 22.29 -12.36 2.22
N PRO B 46 21.13 -12.16 2.89
CA PRO B 46 19.84 -12.19 2.20
C PRO B 46 19.54 -10.92 1.41
N GLU B 47 18.53 -10.99 0.54
CA GLU B 47 18.10 -9.84 -0.23
C GLU B 47 16.58 -9.66 -0.10
N VAL B 48 16.13 -8.42 -0.16
CA VAL B 48 14.74 -8.08 0.07
C VAL B 48 13.79 -8.74 -0.93
N THR B 49 12.80 -9.48 -0.42
CA THR B 49 11.82 -10.14 -1.27
C THR B 49 10.46 -9.44 -1.19
N GLU B 50 10.27 -8.62 -0.16
CA GLU B 50 9.06 -7.82 -0.03
C GLU B 50 9.33 -6.56 0.79
N LEU B 51 8.68 -5.46 0.41
CA LEU B 51 8.91 -4.16 1.05
C LEU B 51 7.59 -3.43 1.26
N CYS B 52 7.48 -2.70 2.36
CA CYS B 52 6.29 -1.89 2.63
C CYS B 52 6.62 -0.59 3.36
N LEU B 53 5.90 0.46 3.02
CA LEU B 53 6.09 1.76 3.63
C LEU B 53 4.76 2.41 4.00
N LEU B 54 4.63 2.87 5.24
CA LEU B 54 3.47 3.63 5.67
C LEU B 54 3.87 5.05 6.06
N ALA B 55 3.78 5.98 5.11
CA ALA B 55 4.15 7.36 5.38
C ALA B 55 3.03 8.10 6.09
N VAL B 56 3.29 8.50 7.33
CA VAL B 56 2.29 9.20 8.12
C VAL B 56 2.83 10.52 8.64
N HIS B 57 2.08 11.59 8.42
CA HIS B 57 2.43 12.91 8.94
C HIS B 57 2.31 12.91 10.47
N ARG B 58 3.10 13.73 11.14
CA ARG B 58 3.13 13.74 12.60
C ARG B 58 1.82 14.26 13.19
N ARG B 59 1.12 15.09 12.42
CA ARG B 59 -0.11 15.71 12.89
C ARG B 59 -1.26 14.71 12.85
N ALA B 60 -1.09 13.65 12.06
CA ALA B 60 -2.08 12.59 11.98
C ALA B 60 -1.90 11.61 13.14
N LEU B 61 -0.68 11.57 13.69
CA LEU B 61 -0.38 10.69 14.81
C LEU B 61 -0.81 11.30 16.14
N GLU B 62 -0.51 12.58 16.32
CA GLU B 62 -0.78 13.25 17.58
C GLU B 62 -2.26 13.59 17.76
N ASN B 63 -3.06 13.28 16.74
CA ASN B 63 -4.50 13.47 16.83
C ASN B 63 -5.17 12.28 17.51
N THR B 64 -4.43 11.19 17.66
CA THR B 64 -4.94 9.99 18.34
C THR B 64 -5.21 10.31 19.81
N SER B 65 -6.42 9.99 20.26
CA SER B 65 -6.85 10.34 21.61
C SER B 65 -6.18 9.49 22.69
N ILE B 66 -6.59 9.73 23.92
CA ILE B 66 -6.05 9.01 25.08
C ILE B 66 -6.54 7.55 25.08
N SER B 67 -5.63 6.63 25.37
CA SER B 67 -5.98 5.20 25.46
C SER B 67 -7.03 4.94 26.53
N GLN B 68 -8.07 4.21 26.16
CA GLN B 68 -9.22 3.99 27.04
C GLN B 68 -9.11 2.72 27.88
N GLY B 69 -8.74 2.88 29.14
CA GLY B 69 -8.72 1.78 30.08
C GLY B 69 -7.73 0.68 29.79
N HIS B 70 -7.89 -0.45 30.45
CA HIS B 70 -7.02 -1.61 30.27
C HIS B 70 -7.83 -2.88 30.01
N PRO B 71 -7.62 -3.52 28.86
CA PRO B 71 -6.69 -3.08 27.82
C PRO B 71 -7.31 -2.08 26.86
N PRO B 72 -6.48 -1.17 26.30
CA PRO B 72 -6.97 -0.20 25.33
C PRO B 72 -7.32 -0.85 24.00
N PRO B 73 -8.32 -0.31 23.28
CA PRO B 73 -8.70 -0.84 21.97
C PRO B 73 -7.61 -0.60 20.93
N VAL B 74 -7.55 -1.45 19.90
CA VAL B 74 -6.58 -1.29 18.83
C VAL B 74 -6.77 0.06 18.15
N PRO B 75 -5.74 0.92 18.21
CA PRO B 75 -5.78 2.29 17.71
C PRO B 75 -6.24 2.38 16.26
N ARG B 76 -6.93 3.47 15.93
CA ARG B 76 -7.48 3.66 14.59
C ARG B 76 -6.45 4.26 13.65
N PRO B 77 -6.11 3.53 12.58
CA PRO B 77 -5.15 4.00 11.56
C PRO B 77 -5.63 5.31 10.92
N PRO B 78 -4.74 6.31 10.84
CA PRO B 78 -5.08 7.63 10.28
C PRO B 78 -5.63 7.52 8.86
N ARG B 79 -6.57 8.39 8.52
CA ARG B 79 -7.21 8.38 7.20
C ARG B 79 -6.25 8.87 6.12
N VAL B 80 -5.43 9.86 6.46
CA VAL B 80 -4.48 10.42 5.52
C VAL B 80 -3.12 9.72 5.64
N VAL B 81 -2.98 8.61 4.90
CA VAL B 81 -1.76 7.82 4.95
C VAL B 81 -1.37 7.32 3.55
N ASP B 82 -0.10 7.50 3.21
CA ASP B 82 0.43 6.98 1.95
C ASP B 82 1.03 5.58 2.17
N LYS B 83 0.63 4.63 1.33
CA LYS B 83 1.06 3.24 1.48
C LYS B 83 1.69 2.68 0.20
N LEU B 84 2.85 2.04 0.35
CA LEU B 84 3.52 1.39 -0.77
C LEU B 84 3.99 -0.02 -0.39
N SER B 85 3.43 -1.02 -1.07
CA SER B 85 3.82 -2.40 -0.81
C SER B 85 4.20 -3.10 -2.11
N LEU B 86 5.40 -3.68 -2.15
CA LEU B 86 5.91 -4.30 -3.36
C LEU B 86 6.57 -5.66 -3.11
N CYS B 87 6.30 -6.62 -3.99
CA CYS B 87 7.00 -7.91 -3.96
C CYS B 87 8.20 -7.86 -4.89
N ILE B 88 9.38 -8.14 -4.35
CA ILE B 88 10.62 -8.06 -5.11
C ILE B 88 11.22 -9.44 -5.34
N ALA B 89 11.74 -9.66 -6.53
CA ALA B 89 12.37 -10.94 -6.86
C ALA B 89 13.83 -10.95 -6.45
N PRO B 90 14.22 -11.93 -5.61
CA PRO B 90 15.60 -12.06 -5.17
C PRO B 90 16.47 -12.75 -6.22
N GLY B 91 17.78 -12.63 -6.09
CA GLY B 91 18.71 -13.31 -6.98
C GLY B 91 19.08 -14.67 -6.43
N LYS B 92 18.96 -14.83 -5.12
CA LYS B 92 19.24 -16.11 -4.48
C LYS B 92 17.96 -16.69 -3.86
N ALA B 93 17.93 -18.01 -3.72
CA ALA B 93 16.75 -18.71 -3.24
C ALA B 93 16.44 -18.39 -1.78
N CYS B 94 15.18 -18.52 -1.41
CA CYS B 94 14.75 -18.32 -0.03
C CYS B 94 14.94 -19.59 0.79
N SER B 95 15.48 -19.45 1.99
CA SER B 95 15.63 -20.57 2.90
C SER B 95 14.26 -21.12 3.27
N PRO B 96 14.15 -22.46 3.39
CA PRO B 96 12.88 -23.15 3.69
C PRO B 96 12.15 -22.55 4.90
N GLY B 97 12.89 -22.13 5.91
CA GLY B 97 12.31 -21.55 7.10
C GLY B 97 11.68 -20.19 6.82
N ALA B 98 12.44 -19.34 6.14
CA ALA B 98 11.99 -17.98 5.83
C ALA B 98 10.84 -17.99 4.82
N SER B 99 10.93 -18.91 3.85
CA SER B 99 9.92 -18.99 2.80
C SER B 99 8.58 -19.49 3.32
N GLU B 100 8.59 -20.11 4.49
CA GLU B 100 7.36 -20.68 5.05
C GLU B 100 6.66 -19.73 6.01
N ILE B 101 7.44 -18.86 6.65
CA ILE B 101 6.85 -17.90 7.58
C ILE B 101 6.36 -16.66 6.84
N THR B 102 6.92 -16.42 5.66
CA THR B 102 6.54 -15.26 4.85
C THR B 102 5.54 -15.65 3.77
N GLY B 103 5.69 -16.86 3.24
CA GLY B 103 4.84 -17.35 2.18
C GLY B 103 5.32 -16.88 0.81
N LEU B 104 6.60 -16.51 0.75
CA LEU B 104 7.18 -16.01 -0.48
C LEU B 104 8.34 -16.90 -0.95
N SER B 105 8.19 -17.48 -2.14
CA SER B 105 9.25 -18.30 -2.72
C SER B 105 9.83 -17.62 -3.95
N LYS B 106 11.13 -17.75 -4.14
CA LYS B 106 11.81 -17.15 -5.29
C LYS B 106 11.22 -17.66 -6.59
N ALA B 107 10.80 -18.93 -6.59
CA ALA B 107 10.16 -19.53 -7.75
C ALA B 107 8.89 -18.77 -8.13
N GLU B 108 7.92 -18.75 -7.21
CA GLU B 108 6.63 -18.13 -7.47
C GLU B 108 6.76 -16.63 -7.75
N LEU B 109 7.73 -15.99 -7.12
CA LEU B 109 7.98 -14.57 -7.35
C LEU B 109 8.42 -14.31 -8.78
N GLU B 110 9.38 -15.11 -9.26
CA GLU B 110 9.88 -14.96 -10.62
C GLU B 110 8.84 -15.42 -11.65
N VAL B 111 7.94 -16.29 -11.21
CA VAL B 111 6.88 -16.78 -12.08
C VAL B 111 5.82 -15.69 -12.28
N GLN B 112 5.52 -14.95 -11.21
CA GLN B 112 4.51 -13.90 -11.27
C GLN B 112 5.10 -12.57 -11.76
N GLY B 113 6.24 -12.65 -12.44
CA GLY B 113 6.81 -11.50 -13.12
C GLY B 113 7.33 -10.37 -12.24
N ARG B 114 7.55 -10.66 -10.96
CA ARG B 114 8.11 -9.67 -10.05
C ARG B 114 9.54 -9.31 -10.46
N GLN B 115 9.85 -8.02 -10.46
CA GLN B 115 11.17 -7.57 -10.87
C GLN B 115 12.15 -7.56 -9.70
N ARG B 116 13.45 -7.52 -10.02
CA ARG B 116 14.50 -7.52 -9.02
C ARG B 116 14.59 -6.18 -8.32
N PHE B 117 15.58 -6.03 -7.44
CA PHE B 117 15.84 -4.75 -6.78
C PHE B 117 16.69 -3.88 -7.70
N ASP B 118 16.03 -3.21 -8.67
CA ASP B 118 16.74 -2.47 -9.71
C ASP B 118 16.78 -0.96 -9.47
N ASP B 119 17.34 -0.24 -10.42
CA ASP B 119 17.40 1.21 -10.37
C ASP B 119 16.01 1.84 -10.47
N ASN B 120 15.13 1.17 -11.21
CA ASN B 120 13.76 1.64 -11.37
C ASN B 120 13.02 1.67 -10.05
N LEU B 121 13.37 0.74 -9.15
CA LEU B 121 12.78 0.69 -7.82
C LEU B 121 13.24 1.90 -7.00
N ALA B 122 14.49 2.29 -7.16
CA ALA B 122 15.04 3.44 -6.45
C ALA B 122 14.38 4.73 -6.92
N ILE B 123 14.02 4.77 -8.20
CA ILE B 123 13.29 5.91 -8.75
C ILE B 123 11.90 6.01 -8.13
N LEU B 124 11.26 4.85 -7.95
CA LEU B 124 9.95 4.77 -7.33
C LEU B 124 10.02 5.24 -5.88
N LEU B 125 11.01 4.74 -5.15
CA LEU B 125 11.18 5.08 -3.74
C LEU B 125 11.44 6.57 -3.56
N ARG B 126 12.29 7.13 -4.42
CA ARG B 126 12.62 8.55 -4.33
C ARG B 126 11.39 9.42 -4.50
N ALA B 127 10.55 9.07 -5.46
CA ALA B 127 9.32 9.80 -5.72
C ALA B 127 8.35 9.65 -4.54
N PHE B 128 8.26 8.44 -4.00
CA PHE B 128 7.39 8.17 -2.86
C PHE B 128 7.84 8.98 -1.65
N LEU B 129 9.14 9.02 -1.42
CA LEU B 129 9.70 9.79 -0.31
C LEU B 129 9.55 11.28 -0.54
N GLN B 130 9.53 11.69 -1.81
CA GLN B 130 9.46 13.10 -2.17
C GLN B 130 8.08 13.69 -1.88
N ARG B 131 7.05 12.85 -1.94
CA ARG B 131 5.69 13.30 -1.66
C ARG B 131 5.44 13.45 -0.16
N GLN B 132 6.48 13.21 0.64
CA GLN B 132 6.37 13.31 2.09
C GLN B 132 7.14 14.51 2.63
N PRO B 133 6.49 15.31 3.48
CA PRO B 133 7.11 16.48 4.12
C PRO B 133 8.38 16.13 4.88
N GLN B 134 9.38 17.00 4.80
CA GLN B 134 10.65 16.80 5.46
C GLN B 134 10.72 17.60 6.77
N PRO B 135 11.49 17.11 7.76
CA PRO B 135 12.30 15.89 7.76
C PRO B 135 11.47 14.61 7.88
N CYS B 136 11.96 13.54 7.26
CA CYS B 136 11.26 12.28 7.26
C CYS B 136 12.08 11.20 7.98
N CYS B 137 11.44 10.46 8.87
CA CYS B 137 12.15 9.44 9.64
C CYS B 137 11.54 8.05 9.44
N LEU B 138 12.40 7.08 9.17
CA LEU B 138 11.98 5.69 9.01
C LEU B 138 11.81 5.01 10.36
N VAL B 139 10.85 4.09 10.45
CA VAL B 139 10.61 3.34 11.67
C VAL B 139 10.49 1.85 11.38
N ALA B 140 11.45 1.06 11.84
CA ALA B 140 11.45 -0.38 11.61
C ALA B 140 11.71 -1.16 12.89
N HIS B 141 11.07 -2.33 12.99
CA HIS B 141 11.22 -3.17 14.18
C HIS B 141 12.52 -3.96 14.12
N ASN B 142 13.36 -3.79 15.14
CA ASN B 142 14.73 -4.31 15.15
C ASN B 142 15.49 -3.85 13.91
N GLY B 143 15.29 -2.58 13.56
CA GLY B 143 15.84 -2.01 12.36
C GLY B 143 17.35 -1.88 12.36
N ASP B 144 17.91 -1.45 13.50
CA ASP B 144 19.34 -1.17 13.61
C ASP B 144 20.19 -2.40 13.32
N ARG B 145 19.63 -3.58 13.58
CA ARG B 145 20.39 -4.81 13.45
C ARG B 145 19.97 -5.65 12.24
N TYR B 146 19.03 -5.15 11.45
CA TYR B 146 18.55 -5.91 10.30
C TYR B 146 18.10 -5.03 9.12
N ASP B 147 16.91 -4.45 9.23
CA ASP B 147 16.28 -3.77 8.10
C ASP B 147 17.12 -2.63 7.53
N PHE B 148 17.55 -1.72 8.39
CA PHE B 148 18.33 -0.57 7.94
C PHE B 148 19.68 -0.96 7.32
N PRO B 149 20.45 -1.88 7.95
CA PRO B 149 21.67 -2.30 7.25
C PRO B 149 21.39 -3.01 5.93
N LEU B 150 20.41 -3.90 5.90
CA LEU B 150 20.06 -4.62 4.68
C LEU B 150 19.61 -3.67 3.57
N LEU B 151 18.75 -2.72 3.93
CA LEU B 151 18.24 -1.75 2.96
C LEU B 151 19.37 -0.88 2.41
N GLN B 152 20.34 -0.58 3.28
CA GLN B 152 21.49 0.22 2.88
C GLN B 152 22.35 -0.52 1.86
N THR B 153 22.42 -1.83 2.01
CA THR B 153 23.20 -2.68 1.12
C THR B 153 22.57 -2.76 -0.27
N GLU B 154 21.24 -2.89 -0.30
CA GLU B 154 20.50 -2.95 -1.56
C GLU B 154 20.66 -1.68 -2.36
N LEU B 155 20.65 -0.54 -1.67
CA LEU B 155 20.81 0.76 -2.33
C LEU B 155 22.28 1.00 -2.69
N ALA B 156 23.17 0.26 -2.05
CA ALA B 156 24.60 0.36 -2.33
C ALA B 156 24.94 -0.37 -3.62
N ARG B 157 24.20 -1.44 -3.91
CA ARG B 157 24.40 -2.21 -5.14
C ARG B 157 24.08 -1.38 -6.37
N LEU B 158 23.06 -0.54 -6.26
CA LEU B 158 22.60 0.28 -7.38
C LEU B 158 23.60 1.39 -7.70
N SER B 159 23.76 1.70 -8.98
CA SER B 159 24.64 2.77 -9.41
C SER B 159 24.09 4.11 -8.97
N THR B 160 22.78 4.16 -8.75
CA THR B 160 22.11 5.36 -8.27
C THR B 160 22.51 5.69 -6.83
N PRO B 161 22.85 6.96 -6.58
CA PRO B 161 23.08 7.43 -5.21
C PRO B 161 21.87 7.18 -4.32
N SER B 162 22.11 6.75 -3.09
CA SER B 162 21.04 6.37 -2.17
C SER B 162 20.02 7.48 -1.94
N PRO B 163 18.75 7.22 -2.28
CA PRO B 163 17.64 8.16 -2.10
C PRO B 163 17.37 8.45 -0.62
N LEU B 164 17.95 7.65 0.25
CA LEU B 164 17.76 7.82 1.69
C LEU B 164 18.93 8.56 2.34
N ASP B 165 19.63 9.37 1.55
CA ASP B 165 20.76 10.13 2.06
C ASP B 165 20.31 11.32 2.90
N GLY B 166 19.00 11.59 2.88
CA GLY B 166 18.45 12.68 3.64
C GLY B 166 17.37 12.21 4.61
N THR B 167 17.15 10.91 4.66
CA THR B 167 16.12 10.34 5.51
C THR B 167 16.71 9.83 6.83
N PHE B 168 15.99 10.05 7.93
CA PHE B 168 16.42 9.57 9.23
C PHE B 168 15.78 8.23 9.55
N CYS B 169 16.18 7.63 10.67
CA CYS B 169 15.65 6.33 11.07
C CYS B 169 15.79 6.07 12.56
N VAL B 170 14.83 5.34 13.12
CA VAL B 170 14.88 4.91 14.52
C VAL B 170 14.39 3.47 14.63
N ASP B 171 14.57 2.88 15.81
CA ASP B 171 14.13 1.51 16.05
C ASP B 171 12.91 1.50 16.98
N SER B 172 11.88 0.75 16.59
CA SER B 172 10.66 0.68 17.38
C SER B 172 10.86 -0.14 18.65
N ILE B 173 11.83 -1.05 18.62
CA ILE B 173 12.17 -1.84 19.80
C ILE B 173 12.72 -0.92 20.89
N ALA B 174 13.69 -0.09 20.53
CA ALA B 174 14.28 0.86 21.46
C ALA B 174 13.27 1.88 21.94
N ALA B 175 12.28 2.17 21.09
CA ALA B 175 11.24 3.13 21.43
C ALA B 175 10.26 2.55 22.44
N LEU B 176 9.78 1.34 22.17
CA LEU B 176 8.82 0.69 23.06
C LEU B 176 9.45 0.24 24.37
N LYS B 177 10.77 0.07 24.36
CA LYS B 177 11.49 -0.25 25.58
C LYS B 177 11.48 0.93 26.54
N ALA B 178 11.57 2.13 25.97
CA ALA B 178 11.56 3.36 26.76
C ALA B 178 10.12 3.83 27.01
N LEU B 179 9.19 3.30 26.22
CA LEU B 179 7.79 3.69 26.35
C LEU B 179 7.06 2.80 27.36
N GLU B 180 7.45 1.52 27.43
CA GLU B 180 6.90 0.63 28.45
C GLU B 180 7.57 0.90 29.80
N GLN B 181 8.70 1.58 29.74
CA GLN B 181 9.37 2.04 30.95
C GLN B 181 8.84 3.42 31.34
N ALA B 182 7.74 3.81 30.70
CA ALA B 182 7.08 5.08 31.00
C ALA B 182 5.71 4.84 31.61
N SER B 183 5.00 3.84 31.07
CA SER B 183 3.71 3.44 31.62
C SER B 183 3.90 2.90 33.04
N SER B 184 4.96 2.12 33.22
CA SER B 184 5.36 1.64 34.53
C SER B 184 6.86 1.81 34.69
N PRO B 185 7.30 3.02 35.08
CA PRO B 185 8.72 3.34 35.26
C PRO B 185 9.41 2.44 36.29
N SER B 186 8.63 1.98 37.27
CA SER B 186 9.14 1.05 38.26
C SER B 186 9.49 -0.29 37.63
N GLY B 187 10.26 -1.10 38.34
CA GLY B 187 10.63 -2.42 37.87
C GLY B 187 10.29 -3.49 38.89
N ASN B 188 9.26 -4.32 38.68
CA ASN B 188 8.37 -4.40 37.50
C ASN B 188 9.14 -4.63 36.18
N GLY B 189 10.24 -5.37 36.29
CA GLY B 189 11.04 -5.71 35.13
C GLY B 189 11.31 -7.20 35.04
N SER B 190 10.55 -7.88 34.20
CA SER B 190 10.70 -9.33 34.02
C SER B 190 11.25 -9.66 32.64
N ARG B 191 12.14 -8.78 32.14
CA ARG B 191 12.70 -8.84 30.78
C ARG B 191 11.72 -9.40 29.74
N LYS B 192 10.51 -8.84 29.70
CA LYS B 192 9.46 -9.30 28.80
C LYS B 192 9.88 -9.21 27.33
N SER B 193 9.34 -10.10 26.52
CA SER B 193 9.67 -10.18 25.09
C SER B 193 9.22 -8.93 24.33
N TYR B 194 10.15 -8.32 23.61
CA TYR B 194 9.84 -7.14 22.81
C TYR B 194 9.72 -7.49 21.33
N SER B 195 9.21 -8.68 21.05
CA SER B 195 8.96 -9.09 19.67
C SER B 195 7.71 -8.39 19.14
N LEU B 196 7.63 -8.23 17.83
CA LEU B 196 6.53 -7.51 17.20
C LEU B 196 5.17 -8.13 17.54
N GLY B 197 5.14 -9.45 17.64
CA GLY B 197 3.91 -10.16 17.95
C GLY B 197 3.51 -10.05 19.41
N SER B 198 4.50 -10.13 20.30
CA SER B 198 4.24 -10.10 21.74
C SER B 198 3.85 -8.71 22.21
N ILE B 199 4.48 -7.68 21.66
CA ILE B 199 4.17 -6.29 22.02
C ILE B 199 2.72 -5.97 21.68
N TYR B 200 2.28 -6.39 20.50
CA TYR B 200 0.91 -6.16 20.05
C TYR B 200 -0.10 -6.86 20.98
N THR B 201 0.26 -8.05 21.43
CA THR B 201 -0.63 -8.82 22.29
C THR B 201 -0.61 -8.31 23.73
N ARG B 202 0.56 -7.84 24.17
CA ARG B 202 0.69 -7.34 25.53
C ARG B 202 -0.07 -6.02 25.72
N LEU B 203 -0.19 -5.26 24.65
CA LEU B 203 -0.83 -3.94 24.72
C LEU B 203 -2.33 -4.00 24.49
N TYR B 204 -2.77 -4.83 23.53
CA TYR B 204 -4.16 -4.81 23.10
C TYR B 204 -4.87 -6.15 23.30
N TRP B 205 -4.15 -7.12 23.88
CA TRP B 205 -4.70 -8.44 24.19
C TRP B 205 -5.38 -9.10 23.00
N GLN B 206 -4.75 -8.98 21.83
CA GLN B 206 -5.28 -9.59 20.62
C GLN B 206 -4.14 -10.17 19.78
N ALA B 207 -4.50 -10.92 18.76
CA ALA B 207 -3.51 -11.54 17.89
C ALA B 207 -3.27 -10.71 16.64
N PRO B 208 -1.99 -10.42 16.34
CA PRO B 208 -1.60 -9.66 15.15
C PRO B 208 -2.06 -10.34 13.86
N THR B 209 -2.92 -9.67 13.10
CA THR B 209 -3.44 -10.23 11.86
C THR B 209 -2.38 -10.22 10.77
N ASP B 210 -2.37 -11.27 9.95
CA ASP B 210 -1.45 -11.42 8.84
C ASP B 210 0.00 -11.28 9.29
N SER B 211 0.51 -12.33 9.94
CA SER B 211 1.86 -12.31 10.50
C SER B 211 2.94 -12.50 9.44
N HIS B 212 4.05 -11.79 9.60
CA HIS B 212 5.21 -11.91 8.73
C HIS B 212 4.91 -11.65 7.25
N THR B 213 4.00 -10.72 7.00
CA THR B 213 3.84 -10.14 5.67
C THR B 213 4.32 -8.71 5.75
N ALA B 214 5.00 -8.23 4.71
CA ALA B 214 5.60 -6.90 4.72
C ALA B 214 4.60 -5.81 5.07
N GLU B 215 3.38 -5.94 4.57
CA GLU B 215 2.34 -4.96 4.84
C GLU B 215 1.71 -5.19 6.22
N GLY B 216 1.46 -6.46 6.54
CA GLY B 216 0.80 -6.82 7.79
C GLY B 216 1.61 -6.48 9.03
N ASP B 217 2.93 -6.57 8.91
CA ASP B 217 3.82 -6.27 10.04
C ASP B 217 3.88 -4.77 10.30
N VAL B 218 3.77 -3.98 9.25
CA VAL B 218 3.79 -2.52 9.38
C VAL B 218 2.54 -2.03 10.08
N LEU B 219 1.38 -2.54 9.65
CA LEU B 219 0.11 -2.20 10.25
C LEU B 219 0.09 -2.61 11.72
N THR B 220 0.75 -3.73 12.03
CA THR B 220 0.92 -4.16 13.41
C THR B 220 1.90 -3.23 14.13
N LEU B 221 2.94 -2.82 13.42
CA LEU B 221 3.94 -1.90 13.97
C LEU B 221 3.35 -0.51 14.18
N LEU B 222 2.43 -0.12 13.31
CA LEU B 222 1.79 1.18 13.40
C LEU B 222 0.95 1.28 14.67
N SER B 223 0.21 0.21 14.98
CA SER B 223 -0.70 0.20 16.11
C SER B 223 0.03 0.32 17.44
N ILE B 224 1.17 -0.36 17.57
CA ILE B 224 1.94 -0.31 18.81
C ILE B 224 2.70 1.01 18.93
N CYS B 225 2.76 1.75 17.82
CA CYS B 225 3.36 3.07 17.83
C CYS B 225 2.29 4.13 18.09
N GLN B 226 1.04 3.76 17.88
CA GLN B 226 -0.08 4.64 18.18
C GLN B 226 -0.56 4.48 19.62
N TRP B 227 0.13 3.61 20.36
CA TRP B 227 -0.21 3.34 21.75
C TRP B 227 -0.12 4.63 22.57
N LYS B 228 1.05 5.24 22.56
CA LYS B 228 1.22 6.56 23.17
C LYS B 228 1.89 7.49 22.16
N PRO B 229 1.09 8.09 21.27
CA PRO B 229 1.51 8.90 20.11
C PRO B 229 2.50 10.01 20.46
N GLN B 230 2.10 10.93 21.33
CA GLN B 230 2.96 12.05 21.69
C GLN B 230 4.23 11.57 22.40
N ALA B 231 4.11 10.51 23.18
CA ALA B 231 5.24 9.92 23.87
C ALA B 231 6.23 9.31 22.89
N LEU B 232 5.68 8.68 21.86
CA LEU B 232 6.49 8.07 20.81
C LEU B 232 7.24 9.13 20.01
N LEU B 233 6.50 10.13 19.53
CA LEU B 233 7.08 11.21 18.74
C LEU B 233 8.15 11.97 19.51
N GLN B 234 7.96 12.06 20.83
CA GLN B 234 8.93 12.74 21.68
C GLN B 234 10.24 11.96 21.73
N TRP B 235 10.14 10.64 21.61
CA TRP B 235 11.33 9.79 21.64
C TRP B 235 12.04 9.76 20.29
N VAL B 236 11.26 9.68 19.21
CA VAL B 236 11.80 9.61 17.86
C VAL B 236 12.62 10.85 17.52
N ASP B 237 12.12 12.01 17.92
CA ASP B 237 12.82 13.27 17.68
C ASP B 237 14.17 13.31 18.39
N GLU B 238 14.29 12.59 19.50
CA GLU B 238 15.51 12.60 20.30
C GLU B 238 16.57 11.63 19.75
N HIS B 239 16.13 10.44 19.37
CA HIS B 239 17.06 9.39 18.96
C HIS B 239 17.11 9.21 17.45
N ALA B 240 16.75 10.24 16.71
CA ALA B 240 16.79 10.20 15.25
C ALA B 240 18.22 10.30 14.74
N ARG B 241 18.53 9.56 13.67
CA ARG B 241 19.85 9.61 13.06
C ARG B 241 19.74 9.36 11.56
N PRO B 242 20.62 9.99 10.77
CA PRO B 242 20.61 9.85 9.30
C PRO B 242 20.80 8.41 8.84
N PHE B 243 20.10 8.04 7.77
CA PHE B 243 20.21 6.70 7.20
C PHE B 243 21.56 6.54 6.48
N SER B 244 22.12 7.66 6.03
CA SER B 244 23.38 7.64 5.32
C SER B 244 24.53 7.17 6.20
N THR B 245 24.31 7.18 7.52
CA THR B 245 25.31 6.75 8.47
C THR B 245 25.12 5.28 8.86
N VAL B 246 24.01 4.69 8.41
CA VAL B 246 23.72 3.30 8.73
C VAL B 246 24.65 2.35 7.98
N LYS B 247 25.31 1.47 8.74
CA LYS B 247 26.28 0.54 8.18
C LYS B 247 25.63 -0.50 7.29
N PRO B 248 26.21 -0.72 6.09
CA PRO B 248 25.73 -1.79 5.21
C PRO B 248 25.87 -3.14 5.89
N MET B 249 24.89 -4.02 5.69
CA MET B 249 24.90 -5.33 6.33
C MET B 249 26.07 -6.16 5.80
N TYR B 250 26.38 -5.99 4.51
CA TYR B 250 27.41 -6.78 3.86
C TYR B 250 27.77 -6.18 2.50
N GLY B 251 28.85 -6.68 1.90
CA GLY B 251 29.30 -6.19 0.59
C GLY B 251 28.43 -6.71 -0.53
N THR B 252 28.67 -6.22 -1.75
CA THR B 252 29.71 -5.24 -2.02
C THR B 252 29.13 -3.85 -2.21
#